data_4AH2
#
_entry.id   4AH2
#
_cell.length_a   57.644
_cell.length_b   65.616
_cell.length_c   131.331
_cell.angle_alpha   90.00
_cell.angle_beta   90.00
_cell.angle_gamma   90.00
#
_symmetry.space_group_name_H-M   'P 21 21 21'
#
loop_
_entity.id
_entity.type
_entity.pdbx_description
1 polymer 'HLA CLASS II HISTOCOMPATIBILITY ANTIGEN, DR ALPHA CHAIN'
2 polymer 'HLA CLASS II HISTOCOMPATIBILITY ANTIGEN GAMMA CHAIN, HLA CLASS II HISTOCOMPATIBILITY ANTIGEN\,DRB1-1 BETA CHAIN'
3 non-polymer GLYCEROL
4 water water
#
loop_
_entity_poly.entity_id
_entity_poly.type
_entity_poly.pdbx_seq_one_letter_code
_entity_poly.pdbx_strand_id
1 'polypeptide(L)'
;MIKEEHVIIQAEFYLNPDQSGEFMFDFDGDEIFHVDMAKKETVWRLEEFGRFASFEAQGALANIAVDKANLEIMTKRSNY
TPITNVPPEVTVLTNSPVELREPNVLICFIDKFTPPVVNVTWLRNGKPVTTGVSETVFLPREDHLFRKFHYLPFLPSTED
VYDCRVEHWGLDEPLLKHWEFDAPSPLPETTEN
;
A
2 'polypeptide(L)'
;MKMRMATPLLMQALPMGGGGSGGGGSGGGGSGDTRPRFLWQLKFECHFFNGTERVRLLERCIYNQEESVRFDSDVGEYRA
VTELGRPDAEYWNSQKDLLEQRRAAVDTYCRHNYGVGESFTVQRRVEPKVTVYPSKTQPLQHHNLLVCSVSGFYPGSIEV
RWFRNGQEEKAGVVSTGLIQNGDWTFQTLVMLETVPRSGEVYTCQVEHPSVTSPLTVEWRARSESAQSK
;
B
#
loop_
_chem_comp.id
_chem_comp.type
_chem_comp.name
_chem_comp.formula
GOL non-polymer GLYCEROL 'C3 H8 O3'
#
# COMPACT_ATOMS: atom_id res chain seq x y z
N GLU A 5 -2.24 -6.52 -16.77
CA GLU A 5 -1.08 -5.99 -16.05
C GLU A 5 -1.23 -6.08 -14.52
N HIS A 6 -0.28 -6.76 -13.86
CA HIS A 6 -0.24 -6.84 -12.40
C HIS A 6 1.19 -6.73 -11.92
N VAL A 7 1.36 -6.32 -10.66
CA VAL A 7 2.68 -6.19 -10.06
C VAL A 7 2.75 -6.82 -8.66
N ILE A 8 3.73 -7.69 -8.47
CA ILE A 8 4.00 -8.25 -7.16
C ILE A 8 5.33 -7.74 -6.67
N ILE A 9 5.34 -7.18 -5.46
CA ILE A 9 6.55 -6.63 -4.91
C ILE A 9 6.89 -7.25 -3.57
N GLN A 10 8.10 -7.78 -3.48
CA GLN A 10 8.64 -8.23 -2.21
C GLN A 10 9.46 -7.05 -1.68
N ALA A 11 8.97 -6.37 -0.64
CA ALA A 11 9.68 -5.19 -0.12
C ALA A 11 10.22 -5.40 1.29
N GLU A 12 11.51 -5.07 1.45
CA GLU A 12 12.21 -5.27 2.72
C GLU A 12 12.91 -3.99 3.11
N PHE A 13 13.07 -3.78 4.41
CA PHE A 13 14.01 -2.76 4.87
C PHE A 13 14.70 -3.13 6.17
N TYR A 14 15.81 -2.43 6.41
CA TYR A 14 16.40 -2.39 7.73
C TYR A 14 16.71 -0.93 8.04
N LEU A 15 16.55 -0.56 9.29
CA LEU A 15 16.70 0.82 9.72
C LEU A 15 17.63 0.91 10.93
N ASN A 16 18.68 1.72 10.81
CA ASN A 16 19.57 2.01 11.95
C ASN A 16 19.37 3.46 12.43
N PRO A 17 19.54 3.69 13.74
CA PRO A 17 19.99 2.71 14.73
C PRO A 17 18.82 2.01 15.43
N ASP A 18 17.60 2.18 14.94
CA ASP A 18 16.45 1.52 15.59
C ASP A 18 16.56 0.00 15.57
N GLN A 19 17.36 -0.53 14.64
CA GLN A 19 17.51 -1.96 14.44
C GLN A 19 16.16 -2.62 14.18
N SER A 20 15.40 -2.01 13.28
CA SER A 20 14.07 -2.47 12.89
C SER A 20 14.09 -3.01 11.46
N GLY A 21 13.57 -4.22 11.27
CA GLY A 21 13.42 -4.78 9.94
C GLY A 21 11.96 -5.04 9.62
N GLU A 22 11.63 -5.10 8.33
CA GLU A 22 10.31 -5.55 7.88
C GLU A 22 10.44 -6.30 6.55
N PHE A 23 9.46 -7.16 6.29
CA PHE A 23 9.48 -8.02 5.12
C PHE A 23 8.04 -8.29 4.73
N MET A 24 7.67 -7.89 3.52
CA MET A 24 6.28 -8.02 3.10
C MET A 24 6.15 -8.24 1.60
N PHE A 25 5.00 -8.74 1.19
CA PHE A 25 4.67 -8.82 -0.23
C PHE A 25 3.48 -7.91 -0.52
N ASP A 26 3.55 -7.23 -1.67
CA ASP A 26 2.51 -6.33 -2.11
C ASP A 26 2.01 -6.84 -3.46
N PHE A 27 0.69 -6.87 -3.64
CA PHE A 27 0.08 -7.17 -4.95
C PHE A 27 -0.77 -5.98 -5.37
N ASP A 28 -0.38 -5.29 -6.45
CA ASP A 28 -1.13 -4.12 -6.93
C ASP A 28 -1.46 -3.13 -5.82
N GLY A 29 -0.53 -2.91 -4.89
CA GLY A 29 -0.71 -1.90 -3.86
C GLY A 29 -1.29 -2.42 -2.54
N ASP A 30 -1.81 -3.64 -2.55
CA ASP A 30 -2.33 -4.25 -1.32
C ASP A 30 -1.34 -5.27 -0.74
N GLU A 31 -1.19 -5.26 0.58
CA GLU A 31 -0.31 -6.22 1.24
C GLU A 31 -0.85 -7.65 1.16
N ILE A 32 -0.05 -8.59 0.69
CA ILE A 32 -0.46 -10.01 0.75
C ILE A 32 -0.21 -10.57 2.15
N PHE A 33 1.02 -10.39 2.62
CA PHE A 33 1.39 -10.80 3.98
C PHE A 33 2.65 -10.07 4.42
N HIS A 34 3.00 -10.21 5.69
CA HIS A 34 4.31 -9.76 6.15
C HIS A 34 4.81 -10.79 7.12
N VAL A 35 6.08 -10.69 7.52
CA VAL A 35 6.57 -11.59 8.55
C VAL A 35 6.77 -10.86 9.89
N ASP A 36 6.10 -11.36 10.92
CA ASP A 36 6.38 -10.96 12.29
C ASP A 36 7.83 -11.36 12.65
N MET A 37 8.74 -10.38 12.73
CA MET A 37 10.14 -10.70 13.01
C MET A 37 10.33 -11.33 14.41
N ALA A 38 9.62 -10.80 15.41
CA ALA A 38 9.66 -11.37 16.76
C ALA A 38 9.16 -12.82 16.83
N LYS A 39 7.95 -13.07 16.31
CA LYS A 39 7.36 -14.40 16.44
C LYS A 39 7.90 -15.36 15.39
N LYS A 40 8.68 -14.84 14.44
CA LYS A 40 9.10 -15.63 13.28
C LYS A 40 7.87 -16.25 12.60
N GLU A 41 6.85 -15.44 12.37
CA GLU A 41 5.57 -15.93 11.88
C GLU A 41 5.08 -15.19 10.63
N THR A 42 4.48 -15.95 9.71
CA THR A 42 3.87 -15.35 8.53
C THR A 42 2.49 -14.80 8.88
N VAL A 43 2.27 -13.51 8.63
CA VAL A 43 0.99 -12.90 8.95
C VAL A 43 0.25 -12.47 7.68
N TRP A 44 -0.70 -13.30 7.22
CA TRP A 44 -1.47 -13.01 6.02
C TRP A 44 -2.40 -11.83 6.25
N ARG A 45 -2.47 -10.93 5.28
CA ARG A 45 -3.24 -9.68 5.45
C ARG A 45 -4.72 -9.96 5.60
N LEU A 46 -5.22 -10.89 4.81
CA LEU A 46 -6.56 -11.44 5.02
C LEU A 46 -6.36 -12.89 5.48
N GLU A 47 -7.03 -13.27 6.56
CA GLU A 47 -6.86 -14.62 7.13
C GLU A 47 -7.05 -15.71 6.07
N GLU A 48 -8.03 -15.53 5.18
CA GLU A 48 -8.34 -16.54 4.17
C GLU A 48 -7.16 -16.91 3.26
N PHE A 49 -6.21 -15.99 3.06
CA PHE A 49 -5.05 -16.28 2.21
C PHE A 49 -4.27 -17.49 2.70
N GLY A 50 -4.11 -17.62 4.01
CA GLY A 50 -3.35 -18.71 4.59
C GLY A 50 -3.97 -20.08 4.36
N ARG A 51 -5.21 -20.08 3.86
CA ARG A 51 -5.87 -21.33 3.48
C ARG A 51 -5.44 -21.81 2.09
N PHE A 52 -4.83 -20.94 1.31
CA PHE A 52 -4.44 -21.30 -0.06
C PHE A 52 -2.94 -21.33 -0.25
N ALA A 53 -2.24 -20.55 0.56
CA ALA A 53 -0.80 -20.35 0.34
C ALA A 53 -0.02 -20.41 1.66
N SER A 54 1.29 -20.67 1.55
CA SER A 54 2.15 -20.67 2.72
C SER A 54 3.48 -19.96 2.45
N PHE A 55 4.17 -19.57 3.52
CA PHE A 55 5.49 -18.98 3.36
C PHE A 55 6.39 -19.31 4.54
N GLU A 56 7.63 -19.68 4.24
CA GLU A 56 8.61 -20.04 5.25
C GLU A 56 9.22 -18.79 5.91
N ALA A 57 8.65 -18.42 7.05
CA ALA A 57 8.99 -17.18 7.74
C ALA A 57 10.48 -17.02 8.03
N GLN A 58 11.13 -18.12 8.40
CA GLN A 58 12.55 -18.09 8.79
C GLN A 58 13.46 -17.45 7.73
N GLY A 59 13.06 -17.59 6.45
CA GLY A 59 13.84 -17.04 5.36
C GLY A 59 13.89 -15.53 5.37
N ALA A 60 12.81 -14.88 5.80
CA ALA A 60 12.79 -13.43 5.87
C ALA A 60 13.85 -12.96 6.87
N LEU A 61 13.98 -13.66 8.00
CA LEU A 61 14.98 -13.29 8.99
C LEU A 61 16.39 -13.35 8.40
N ALA A 62 16.66 -14.33 7.56
CA ALA A 62 17.97 -14.41 6.90
C ALA A 62 18.14 -13.26 5.88
N ASN A 63 17.07 -12.93 5.15
CA ASN A 63 17.13 -11.79 4.26
C ASN A 63 17.41 -10.50 5.04
N ILE A 64 16.73 -10.31 6.16
CA ILE A 64 16.88 -9.09 6.94
C ILE A 64 18.31 -8.95 7.46
N ALA A 65 18.90 -10.07 7.86
CA ALA A 65 20.29 -10.10 8.33
C ALA A 65 21.25 -9.60 7.23
N VAL A 66 21.02 -10.02 5.99
CA VAL A 66 21.83 -9.55 4.87
C VAL A 66 21.62 -8.05 4.64
N ASP A 67 20.36 -7.61 4.70
CA ASP A 67 20.02 -6.21 4.58
C ASP A 67 20.74 -5.38 5.65
N LYS A 68 20.76 -5.88 6.88
CA LYS A 68 21.43 -5.18 7.97
C LYS A 68 22.92 -5.01 7.68
N ALA A 69 23.59 -6.13 7.40
CA ALA A 69 24.98 -6.12 6.95
C ALA A 69 25.22 -5.11 5.83
N ASN A 70 24.39 -5.17 4.77
CA ASN A 70 24.51 -4.21 3.66
C ASN A 70 24.27 -2.75 4.06
N LEU A 71 23.28 -2.51 4.91
CA LEU A 71 23.01 -1.15 5.36
C LEU A 71 24.26 -0.57 6.01
N GLU A 72 24.93 -1.39 6.82
CA GLU A 72 26.12 -0.95 7.54
C GLU A 72 27.27 -0.63 6.59
N ILE A 73 27.37 -1.40 5.51
CA ILE A 73 28.37 -1.14 4.47
C ILE A 73 28.12 0.19 3.75
N MET A 74 26.87 0.43 3.37
CA MET A 74 26.46 1.65 2.65
C MET A 74 26.53 2.90 3.52
N THR A 75 26.26 2.73 4.80
CA THR A 75 26.34 3.83 5.75
C THR A 75 27.77 4.33 5.82
N LYS A 76 28.71 3.39 5.91
CA LYS A 76 30.12 3.76 5.96
C LYS A 76 30.58 4.27 4.58
N ARG A 77 30.01 3.73 3.52
CA ARG A 77 30.41 4.11 2.17
C ARG A 77 29.92 5.53 1.86
N SER A 78 28.83 5.94 2.50
CA SER A 78 28.25 7.26 2.28
C SER A 78 28.93 8.23 3.22
N ASN A 79 29.90 7.72 3.97
CA ASN A 79 30.46 8.42 5.12
C ASN A 79 29.39 9.03 6.03
N TYR A 80 28.46 8.17 6.46
CA TYR A 80 27.49 8.48 7.50
C TYR A 80 26.58 9.65 7.12
N THR A 81 26.13 9.63 5.87
CA THR A 81 25.11 10.54 5.42
C THR A 81 23.77 9.98 5.89
N PRO A 82 23.03 10.78 6.67
CA PRO A 82 21.78 10.31 7.26
C PRO A 82 20.60 10.58 6.33
N ILE A 83 19.48 9.90 6.57
CA ILE A 83 18.26 10.15 5.82
C ILE A 83 17.72 11.53 6.17
N THR A 84 17.04 12.15 5.21
CA THR A 84 16.32 13.39 5.42
C THR A 84 14.86 13.05 5.75
N ASN A 85 14.38 13.46 6.93
CA ASN A 85 13.00 13.18 7.33
C ASN A 85 12.02 13.79 6.33
N VAL A 86 11.07 12.98 5.88
CA VAL A 86 9.95 13.49 5.08
C VAL A 86 8.64 13.25 5.83
N PRO A 87 8.02 14.34 6.32
CA PRO A 87 6.83 14.19 7.18
C PRO A 87 5.66 13.69 6.38
N PRO A 88 4.70 13.04 7.05
CA PRO A 88 3.58 12.41 6.33
C PRO A 88 2.41 13.36 6.10
N GLU A 89 1.65 13.12 5.05
CA GLU A 89 0.32 13.69 4.99
C GLU A 89 -0.65 12.63 5.48
N VAL A 90 -1.72 13.07 6.12
CA VAL A 90 -2.58 12.17 6.87
C VAL A 90 -4.03 12.44 6.54
N THR A 91 -4.78 11.39 6.25
CA THR A 91 -6.18 11.54 5.92
C THR A 91 -7.03 10.62 6.77
N VAL A 92 -8.11 11.17 7.32
CA VAL A 92 -9.03 10.36 8.08
C VAL A 92 -10.35 10.25 7.34
N LEU A 93 -10.81 9.03 7.18
CA LEU A 93 -12.06 8.80 6.48
C LEU A 93 -12.73 7.54 7.00
N THR A 94 -13.99 7.36 6.62
CA THR A 94 -14.73 6.21 7.12
C THR A 94 -14.73 5.15 6.03
N ASN A 95 -14.94 3.91 6.45
CA ASN A 95 -14.99 2.76 5.54
C ASN A 95 -16.24 2.80 4.66
N SER A 96 -17.32 3.36 5.19
CA SER A 96 -18.61 3.43 4.50
C SER A 96 -19.27 4.76 4.82
N PRO A 97 -20.30 5.12 4.03
CA PRO A 97 -21.20 6.20 4.46
C PRO A 97 -21.68 5.95 5.88
N VAL A 98 -21.85 7.02 6.63
CA VAL A 98 -22.15 6.90 8.06
C VAL A 98 -23.66 6.96 8.34
N GLU A 99 -24.22 5.82 8.74
CA GLU A 99 -25.59 5.79 9.21
C GLU A 99 -25.56 5.67 10.72
N LEU A 100 -26.42 6.42 11.39
CA LEU A 100 -26.51 6.34 12.85
C LEU A 100 -26.75 4.90 13.29
N ARG A 101 -26.09 4.54 14.39
CA ARG A 101 -26.15 3.19 14.97
C ARG A 101 -25.94 1.99 14.01
N GLU A 102 -25.45 2.26 12.81
CA GLU A 102 -24.85 1.20 11.98
C GLU A 102 -23.33 1.29 12.13
N PRO A 103 -22.72 0.24 12.69
CA PRO A 103 -21.29 0.24 13.00
C PRO A 103 -20.43 0.43 11.76
N ASN A 104 -19.32 1.12 11.96
CA ASN A 104 -18.46 1.56 10.87
C ASN A 104 -17.01 1.49 11.34
N VAL A 105 -16.09 1.96 10.51
CA VAL A 105 -14.68 1.96 10.84
C VAL A 105 -14.03 3.24 10.38
N LEU A 106 -13.43 3.96 11.33
CA LEU A 106 -12.56 5.08 11.03
C LEU A 106 -11.22 4.60 10.44
N ILE A 107 -10.83 5.16 9.30
CA ILE A 107 -9.54 4.85 8.70
C ILE A 107 -8.62 6.06 8.84
N CYS A 108 -7.43 5.85 9.37
CA CYS A 108 -6.42 6.89 9.37
C CYS A 108 -5.31 6.53 8.39
N PHE A 109 -5.28 7.23 7.26
CA PHE A 109 -4.31 6.94 6.19
C PHE A 109 -3.09 7.85 6.32
N ILE A 110 -1.93 7.24 6.47
CA ILE A 110 -0.68 7.96 6.68
C ILE A 110 0.22 7.71 5.48
N ASP A 111 0.61 8.78 4.78
CA ASP A 111 1.15 8.65 3.43
C ASP A 111 2.40 9.50 3.16
N LYS A 112 3.23 9.02 2.22
CA LYS A 112 4.35 9.80 1.72
C LYS A 112 5.35 10.25 2.77
N PHE A 113 5.80 9.34 3.61
CA PHE A 113 6.77 9.69 4.66
C PHE A 113 7.94 8.74 4.72
N THR A 114 9.01 9.20 5.35
CA THR A 114 10.19 8.39 5.64
C THR A 114 10.99 9.21 6.67
N PRO A 115 11.75 8.54 7.56
CA PRO A 115 11.95 7.09 7.70
C PRO A 115 10.72 6.42 8.29
N PRO A 116 10.66 5.07 8.23
CA PRO A 116 9.44 4.36 8.60
C PRO A 116 9.29 4.17 10.10
N VAL A 117 9.04 5.27 10.81
CA VAL A 117 8.81 5.24 12.24
C VAL A 117 7.76 6.29 12.56
N VAL A 118 6.62 5.85 13.09
CA VAL A 118 5.58 6.79 13.48
C VAL A 118 4.93 6.37 14.78
N ASN A 119 4.28 7.33 15.41
CA ASN A 119 3.48 7.03 16.57
C ASN A 119 2.08 7.58 16.35
N VAL A 120 1.10 6.67 16.31
CA VAL A 120 -0.26 7.01 15.97
C VAL A 120 -1.17 6.76 17.15
N THR A 121 -1.97 7.76 17.50
CA THR A 121 -2.93 7.60 18.59
C THR A 121 -4.32 7.91 18.07
N TRP A 122 -5.29 7.08 18.42
CA TRP A 122 -6.68 7.42 18.15
C TRP A 122 -7.24 8.14 19.38
N LEU A 123 -7.94 9.25 19.14
CA LEU A 123 -8.55 10.03 20.21
C LEU A 123 -10.05 10.10 20.05
N ARG A 124 -10.78 9.91 21.15
CA ARG A 124 -12.22 10.04 21.16
C ARG A 124 -12.66 11.01 22.26
N ASN A 125 -13.26 12.12 21.86
CA ASN A 125 -13.57 13.21 22.78
C ASN A 125 -12.34 13.64 23.59
N GLY A 126 -11.18 13.61 22.94
CA GLY A 126 -9.93 14.06 23.55
C GLY A 126 -9.16 12.97 24.29
N LYS A 127 -9.70 11.76 24.32
CA LYS A 127 -9.10 10.65 25.08
C LYS A 127 -8.61 9.54 24.17
N PRO A 128 -7.45 8.96 24.50
CA PRO A 128 -6.93 7.82 23.73
C PRO A 128 -7.88 6.62 23.79
N VAL A 129 -8.10 5.98 22.64
CA VAL A 129 -8.87 4.74 22.59
C VAL A 129 -8.04 3.64 21.92
N THR A 130 -8.11 2.44 22.49
CA THR A 130 -7.37 1.30 21.95
C THR A 130 -8.27 0.10 21.66
N THR A 131 -9.50 0.13 22.15
CA THR A 131 -10.38 -1.02 22.00
C THR A 131 -10.76 -1.27 20.54
N GLY A 132 -10.28 -2.39 20.02
CA GLY A 132 -10.63 -2.81 18.67
C GLY A 132 -9.78 -2.20 17.55
N VAL A 133 -8.82 -1.37 17.89
CA VAL A 133 -7.99 -0.76 16.85
C VAL A 133 -7.08 -1.81 16.24
N SER A 134 -6.60 -1.55 15.02
CA SER A 134 -5.60 -2.40 14.38
C SER A 134 -4.78 -1.53 13.45
N GLU A 135 -3.70 -2.07 12.90
CA GLU A 135 -2.87 -1.31 11.99
C GLU A 135 -2.14 -2.21 11.01
N THR A 136 -1.60 -1.62 9.96
CA THR A 136 -0.79 -2.36 9.00
C THR A 136 0.68 -2.08 9.25
N VAL A 137 1.53 -2.88 8.62
CA VAL A 137 2.94 -2.57 8.59
C VAL A 137 3.20 -1.45 7.56
N PHE A 138 4.47 -1.08 7.41
CA PHE A 138 4.83 -0.01 6.51
C PHE A 138 4.80 -0.48 5.04
N LEU A 139 3.94 0.16 4.25
CA LEU A 139 3.72 -0.29 2.88
C LEU A 139 4.52 0.57 1.91
N PRO A 140 5.09 -0.05 0.88
CA PRO A 140 6.00 0.64 -0.06
C PRO A 140 5.28 1.61 -1.02
N ARG A 141 6.03 2.58 -1.53
CA ARG A 141 5.57 3.51 -2.56
C ARG A 141 6.62 3.56 -3.65
N GLU A 142 6.20 3.86 -4.89
CA GLU A 142 7.14 3.96 -6.00
C GLU A 142 8.26 4.97 -5.72
N ASP A 143 7.94 6.07 -5.04
CA ASP A 143 8.96 7.08 -4.75
C ASP A 143 9.83 6.71 -3.53
N HIS A 144 9.62 5.50 -3.02
CA HIS A 144 10.41 4.93 -1.91
C HIS A 144 10.10 5.53 -0.54
N LEU A 145 9.09 6.38 -0.49
CA LEU A 145 8.44 6.74 0.77
C LEU A 145 7.53 5.60 1.26
N PHE A 146 6.84 5.81 2.38
CA PHE A 146 5.95 4.79 2.93
C PHE A 146 4.49 5.20 3.10
N ARG A 147 3.63 4.18 3.21
CA ARG A 147 2.21 4.31 3.56
C ARG A 147 1.96 3.47 4.79
N LYS A 148 0.81 3.71 5.43
CA LYS A 148 0.40 2.92 6.59
C LYS A 148 -1.06 3.23 6.93
N PHE A 149 -1.82 2.21 7.32
CA PHE A 149 -3.20 2.40 7.73
C PHE A 149 -3.37 2.02 9.20
N HIS A 150 -4.18 2.80 9.91
CA HIS A 150 -4.64 2.43 11.24
C HIS A 150 -6.15 2.47 11.22
N TYR A 151 -6.79 1.57 11.95
CA TYR A 151 -8.25 1.48 11.90
C TYR A 151 -8.87 1.57 13.29
N LEU A 152 -10.05 2.19 13.36
CA LEU A 152 -10.78 2.29 14.62
C LEU A 152 -12.29 2.05 14.41
N PRO A 153 -12.74 0.83 14.75
CA PRO A 153 -14.18 0.53 14.66
C PRO A 153 -14.93 1.37 15.67
N PHE A 154 -16.17 1.73 15.36
CA PHE A 154 -16.92 2.64 16.23
C PHE A 154 -18.42 2.60 15.90
N LEU A 155 -19.23 3.04 16.86
CA LEU A 155 -20.66 3.19 16.60
C LEU A 155 -20.97 4.67 16.46
N PRO A 156 -21.51 5.07 15.30
CA PRO A 156 -21.74 6.50 15.06
C PRO A 156 -22.70 7.11 16.09
N SER A 157 -22.34 8.30 16.58
CA SER A 157 -23.15 9.05 17.51
C SER A 157 -23.01 10.52 17.18
N THR A 158 -24.04 11.30 17.50
CA THR A 158 -24.00 12.74 17.22
C THR A 158 -23.24 13.49 18.31
N GLU A 159 -22.70 12.76 19.28
CA GLU A 159 -22.05 13.40 20.43
C GLU A 159 -20.59 13.00 20.66
N ASP A 160 -20.04 12.20 19.74
CA ASP A 160 -18.62 11.86 19.83
C ASP A 160 -17.85 12.63 18.75
N VAL A 161 -16.62 13.02 19.03
CA VAL A 161 -15.71 13.48 17.99
C VAL A 161 -14.46 12.61 18.02
N TYR A 162 -13.70 12.62 16.94
CA TYR A 162 -12.52 11.79 16.89
C TYR A 162 -11.30 12.54 16.36
N ASP A 163 -10.13 12.06 16.77
CA ASP A 163 -8.89 12.55 16.21
C ASP A 163 -7.90 11.42 16.01
N CYS A 164 -7.25 11.41 14.86
CA CYS A 164 -6.07 10.59 14.67
C CYS A 164 -4.85 11.51 14.86
N ARG A 165 -4.08 11.25 15.91
CA ARG A 165 -2.84 12.00 16.17
C ARG A 165 -1.62 11.21 15.74
N VAL A 166 -0.77 11.84 14.92
CA VAL A 166 0.37 11.18 14.32
C VAL A 166 1.64 11.97 14.61
N GLU A 167 2.65 11.29 15.13
CA GLU A 167 3.95 11.92 15.40
C GLU A 167 5.02 11.33 14.49
N HIS A 168 5.89 12.19 13.98
CA HIS A 168 6.96 11.75 13.08
C HIS A 168 8.08 12.76 13.23
N TRP A 169 9.31 12.31 13.04
CA TRP A 169 10.47 13.18 13.26
C TRP A 169 10.54 14.39 12.31
N GLY A 170 9.78 14.36 11.21
CA GLY A 170 9.80 15.43 10.24
C GLY A 170 8.74 16.48 10.47
N LEU A 171 7.83 16.22 11.42
CA LEU A 171 6.82 17.20 11.82
C LEU A 171 7.35 18.06 12.98
N ASP A 172 7.02 19.35 12.98
CA ASP A 172 7.43 20.20 14.11
C ASP A 172 6.49 19.99 15.31
N GLU A 173 5.22 19.74 15.01
CA GLU A 173 4.20 19.40 16.00
C GLU A 173 3.55 18.08 15.61
N PRO A 174 2.99 17.36 16.60
CA PRO A 174 2.13 16.20 16.30
C PRO A 174 0.98 16.62 15.38
N LEU A 175 0.77 15.86 14.31
CA LEU A 175 -0.31 16.16 13.37
C LEU A 175 -1.63 15.58 13.92
N LEU A 176 -2.72 16.31 13.77
CA LEU A 176 -4.01 15.89 14.32
C LEU A 176 -5.11 16.04 13.25
N LYS A 177 -5.69 14.91 12.84
CA LYS A 177 -6.75 14.95 11.86
C LYS A 177 -8.08 14.64 12.52
N HIS A 178 -9.01 15.58 12.41
CA HIS A 178 -10.28 15.49 13.08
C HIS A 178 -11.33 14.82 12.20
N TRP A 179 -12.28 14.13 12.84
CA TRP A 179 -13.48 13.65 12.17
C TRP A 179 -14.66 13.68 13.14
N GLU A 180 -15.84 14.03 12.63
CA GLU A 180 -17.07 13.88 13.38
C GLU A 180 -18.29 13.71 12.48
N PHE A 181 -19.37 13.20 13.06
CA PHE A 181 -20.60 12.97 12.31
C PHE A 181 -21.33 14.29 12.03
N MET B 1 0.01 -23.59 -1.68
CA MET B 1 1.34 -23.74 -2.27
C MET B 1 2.29 -22.76 -1.59
N LYS B 2 3.60 -23.04 -1.65
CA LYS B 2 4.58 -22.23 -0.93
C LYS B 2 5.09 -21.10 -1.82
N MET B 3 4.81 -19.85 -1.42
CA MET B 3 5.42 -18.67 -2.05
C MET B 3 6.94 -18.65 -1.86
N ARG B 4 7.66 -18.34 -2.94
CA ARG B 4 9.11 -18.26 -2.89
C ARG B 4 9.58 -16.83 -2.67
N MET B 5 10.73 -16.70 -2.02
CA MET B 5 11.30 -15.38 -1.75
C MET B 5 12.60 -15.26 -2.54
N ALA B 6 12.91 -14.04 -2.96
CA ALA B 6 14.20 -13.76 -3.60
C ALA B 6 15.20 -13.29 -2.53
N THR B 7 16.49 -13.55 -2.73
CA THR B 7 17.47 -13.25 -1.70
C THR B 7 18.49 -12.20 -2.12
N PRO B 8 18.55 -11.09 -1.38
CA PRO B 8 19.47 -9.99 -1.67
C PRO B 8 20.90 -10.49 -1.69
N LEU B 9 21.72 -10.03 -2.63
CA LEU B 9 23.14 -10.39 -2.62
C LEU B 9 23.87 -9.60 -1.55
N LEU B 10 24.89 -10.22 -0.96
CA LEU B 10 25.75 -9.49 -0.03
C LEU B 10 26.75 -8.63 -0.80
N MET B 11 26.99 -7.42 -0.28
CA MET B 11 28.01 -6.54 -0.82
C MET B 11 29.39 -7.01 -0.40
N GLN B 12 30.41 -6.48 -1.04
CA GLN B 12 31.77 -6.89 -0.78
C GLN B 12 32.24 -6.35 0.56
N ALA B 13 32.98 -7.18 1.30
CA ALA B 13 33.50 -6.78 2.60
C ALA B 13 34.81 -6.05 2.46
N LEU B 14 35.01 -5.02 3.29
CA LEU B 14 36.29 -4.31 3.34
C LEU B 14 37.37 -5.22 3.94
N SER B 31 11.54 10.45 26.50
CA SER B 31 11.97 11.84 26.64
C SER B 31 12.40 12.45 25.31
N GLY B 32 13.15 11.70 24.50
CA GLY B 32 13.62 12.21 23.23
C GLY B 32 14.69 11.37 22.53
N ASP B 33 14.82 11.60 21.22
CA ASP B 33 15.74 10.84 20.39
C ASP B 33 16.14 11.70 19.19
N THR B 34 17.38 12.18 19.23
CA THR B 34 17.87 13.07 18.20
C THR B 34 19.03 12.42 17.43
N ARG B 35 19.04 11.10 17.36
CA ARG B 35 20.05 10.41 16.55
C ARG B 35 19.62 10.38 15.09
N PRO B 36 20.58 10.58 14.17
CA PRO B 36 20.30 10.48 12.72
C PRO B 36 19.97 9.03 12.33
N ARG B 37 19.21 8.85 11.24
CA ARG B 37 18.81 7.53 10.80
C ARG B 37 19.44 7.11 9.47
N PHE B 38 19.59 5.80 9.30
CA PHE B 38 20.12 5.22 8.07
C PHE B 38 19.23 4.10 7.57
N LEU B 39 18.73 4.23 6.35
CA LEU B 39 17.70 3.33 5.84
C LEU B 39 18.16 2.58 4.60
N TRP B 40 18.01 1.26 4.61
CA TRP B 40 18.28 0.45 3.45
C TRP B 40 17.01 -0.28 3.05
N GLN B 41 16.57 -0.10 1.81
CA GLN B 41 15.37 -0.74 1.30
C GLN B 41 15.69 -1.64 0.12
N LEU B 42 15.07 -2.80 0.09
CA LEU B 42 15.22 -3.70 -1.04
C LEU B 42 13.87 -4.09 -1.62
N LYS B 43 13.74 -3.99 -2.93
CA LYS B 43 12.49 -4.34 -3.58
C LYS B 43 12.73 -5.26 -4.77
N PHE B 44 12.01 -6.39 -4.78
CA PHE B 44 11.92 -7.22 -5.98
C PHE B 44 10.55 -7.02 -6.56
N GLU B 45 10.50 -6.42 -7.75
CA GLU B 45 9.24 -6.15 -8.44
C GLU B 45 9.02 -7.11 -9.61
N CYS B 46 7.96 -7.91 -9.54
CA CYS B 46 7.57 -8.77 -10.66
C CYS B 46 6.43 -8.15 -11.44
N HIS B 47 6.71 -7.77 -12.70
CA HIS B 47 5.71 -7.12 -13.55
C HIS B 47 5.13 -8.09 -14.57
N PHE B 48 3.81 -8.24 -14.52
CA PHE B 48 3.13 -9.21 -15.38
C PHE B 48 2.31 -8.56 -16.47
N PHE B 49 2.52 -9.01 -17.70
CA PHE B 49 1.72 -8.55 -18.83
C PHE B 49 0.99 -9.73 -19.44
N ASN B 50 -0.34 -9.61 -19.52
CA ASN B 50 -1.18 -10.66 -20.08
C ASN B 50 -0.89 -11.98 -19.37
N GLY B 51 -1.20 -12.05 -18.08
CA GLY B 51 -0.82 -13.17 -17.25
C GLY B 51 0.69 -13.24 -17.14
N THR B 52 1.26 -14.41 -17.38
CA THR B 52 2.70 -14.59 -17.33
C THR B 52 3.32 -14.64 -18.73
N GLU B 53 2.61 -14.12 -19.73
CA GLU B 53 3.10 -14.12 -21.09
C GLU B 53 4.41 -13.37 -21.14
N ARG B 54 4.35 -12.09 -20.80
CA ARG B 54 5.55 -11.27 -20.65
C ARG B 54 5.79 -10.90 -19.18
N VAL B 55 6.99 -11.20 -18.69
CA VAL B 55 7.33 -10.94 -17.31
C VAL B 55 8.68 -10.24 -17.22
N ARG B 56 8.72 -9.15 -16.45
CA ARG B 56 9.96 -8.42 -16.19
C ARG B 56 10.26 -8.35 -14.68
N LEU B 57 11.47 -8.73 -14.30
CA LEU B 57 11.88 -8.62 -12.90
C LEU B 57 12.74 -7.36 -12.70
N LEU B 58 12.41 -6.60 -11.65
CA LEU B 58 13.13 -5.39 -11.34
C LEU B 58 13.57 -5.43 -9.88
N GLU B 59 14.87 -5.57 -9.65
CA GLU B 59 15.38 -5.55 -8.29
C GLU B 59 15.91 -4.15 -8.02
N ARG B 60 15.32 -3.44 -7.06
CA ARG B 60 15.76 -2.08 -6.71
C ARG B 60 16.41 -2.05 -5.31
N CYS B 61 17.63 -1.51 -5.24
CA CYS B 61 18.33 -1.35 -3.96
C CYS B 61 18.39 0.15 -3.63
N ILE B 62 17.93 0.51 -2.43
CA ILE B 62 17.71 1.92 -2.09
C ILE B 62 18.30 2.35 -0.77
N TYR B 63 19.29 3.24 -0.82
CA TYR B 63 19.88 3.79 0.41
C TYR B 63 19.20 5.11 0.73
N ASN B 64 18.80 5.25 1.99
CA ASN B 64 17.98 6.37 2.42
C ASN B 64 16.74 6.53 1.53
N GLN B 65 16.71 7.51 0.65
CA GLN B 65 15.56 7.56 -0.27
C GLN B 65 15.98 7.44 -1.74
N GLU B 66 17.25 7.12 -1.95
CA GLU B 66 17.82 7.14 -3.30
C GLU B 66 18.20 5.75 -3.80
N GLU B 67 17.49 5.29 -4.83
CA GLU B 67 17.87 4.05 -5.50
C GLU B 67 19.31 4.16 -6.03
N SER B 68 20.15 3.22 -5.66
CA SER B 68 21.58 3.31 -5.94
C SER B 68 22.03 2.31 -7.00
N VAL B 69 21.38 1.14 -7.04
CA VAL B 69 21.75 0.09 -7.97
C VAL B 69 20.53 -0.81 -8.25
N ARG B 70 20.42 -1.32 -9.48
CA ARG B 70 19.30 -2.19 -9.79
C ARG B 70 19.64 -3.36 -10.72
N PHE B 71 18.84 -4.42 -10.60
CA PHE B 71 18.80 -5.45 -11.63
C PHE B 71 17.48 -5.36 -12.41
N ASP B 72 17.59 -5.29 -13.73
CA ASP B 72 16.44 -5.23 -14.62
C ASP B 72 16.52 -6.44 -15.55
N SER B 73 15.54 -7.34 -15.46
CA SER B 73 15.57 -8.57 -16.26
C SER B 73 15.68 -8.32 -17.77
N ASP B 74 15.25 -7.14 -18.21
CA ASP B 74 15.39 -6.73 -19.62
C ASP B 74 16.81 -6.30 -19.96
N VAL B 75 17.59 -5.92 -18.95
CA VAL B 75 18.99 -5.55 -19.19
C VAL B 75 19.88 -6.78 -19.03
N GLY B 76 19.56 -7.63 -18.07
CA GLY B 76 20.30 -8.86 -17.83
C GLY B 76 21.47 -8.75 -16.87
N GLU B 77 21.74 -7.55 -16.37
CA GLU B 77 22.78 -7.42 -15.36
C GLU B 77 22.51 -6.20 -14.47
N TYR B 78 23.31 -6.06 -13.40
CA TYR B 78 23.18 -4.90 -12.53
C TYR B 78 23.69 -3.64 -13.21
N ARG B 79 23.00 -2.54 -12.96
CA ARG B 79 23.43 -1.24 -13.42
C ARG B 79 23.38 -0.26 -12.26
N ALA B 80 24.45 0.51 -12.09
CA ALA B 80 24.48 1.52 -11.04
C ALA B 80 23.52 2.65 -11.38
N VAL B 81 22.73 3.06 -10.41
CA VAL B 81 21.81 4.18 -10.59
C VAL B 81 22.51 5.48 -10.16
N THR B 82 23.22 5.41 -9.04
CA THR B 82 24.07 6.51 -8.58
C THR B 82 25.50 6.01 -8.44
N GLU B 83 26.45 6.93 -8.27
CA GLU B 83 27.85 6.57 -8.09
C GLU B 83 28.02 5.65 -6.88
N LEU B 84 27.20 5.87 -5.88
CA LEU B 84 27.18 5.05 -4.68
C LEU B 84 26.96 3.56 -4.98
N GLY B 85 26.16 3.27 -6.01
CA GLY B 85 25.80 1.89 -6.35
C GLY B 85 26.83 1.20 -7.22
N ARG B 86 27.78 1.99 -7.72
CA ARG B 86 28.78 1.52 -8.67
C ARG B 86 29.55 0.25 -8.27
N PRO B 87 30.20 0.25 -7.07
CA PRO B 87 30.95 -0.97 -6.70
C PRO B 87 30.10 -2.22 -6.56
N ASP B 88 28.84 -2.08 -6.16
CA ASP B 88 27.92 -3.20 -6.07
C ASP B 88 27.60 -3.76 -7.45
N ALA B 89 27.29 -2.87 -8.38
CA ALA B 89 26.95 -3.25 -9.74
C ALA B 89 28.12 -4.04 -10.32
N GLU B 90 29.33 -3.58 -10.04
CA GLU B 90 30.51 -4.24 -10.61
C GLU B 90 30.85 -5.54 -9.89
N TYR B 91 30.73 -5.55 -8.56
CA TYR B 91 31.04 -6.74 -7.76
C TYR B 91 30.08 -7.89 -8.08
N TRP B 92 28.79 -7.57 -8.17
CA TRP B 92 27.76 -8.57 -8.44
C TRP B 92 27.79 -9.03 -9.89
N ASN B 93 28.11 -8.11 -10.81
CA ASN B 93 28.24 -8.49 -12.20
C ASN B 93 29.46 -9.39 -12.46
N SER B 94 30.42 -9.38 -11.53
CA SER B 94 31.61 -10.23 -11.64
C SER B 94 31.31 -11.67 -11.19
N GLN B 95 30.09 -11.91 -10.73
CA GLN B 95 29.68 -13.24 -10.28
C GLN B 95 28.66 -13.85 -11.26
N LYS B 96 29.16 -14.58 -12.26
CA LYS B 96 28.35 -15.04 -13.39
C LYS B 96 27.19 -15.97 -13.01
N ASP B 97 27.40 -16.80 -11.99
CA ASP B 97 26.38 -17.74 -11.57
C ASP B 97 25.21 -17.00 -10.92
N LEU B 98 25.55 -15.94 -10.19
CA LEU B 98 24.56 -15.11 -9.54
C LEU B 98 23.67 -14.41 -10.58
N LEU B 99 24.28 -13.88 -11.64
CA LEU B 99 23.52 -13.17 -12.67
C LEU B 99 22.52 -14.07 -13.39
N GLU B 100 22.95 -15.28 -13.74
CA GLU B 100 22.05 -16.22 -14.43
C GLU B 100 20.97 -16.75 -13.47
N GLN B 101 21.30 -16.80 -12.19
CA GLN B 101 20.30 -17.01 -11.15
C GLN B 101 19.17 -15.97 -11.25
N ARG B 102 19.53 -14.69 -11.13
CA ARG B 102 18.58 -13.59 -11.26
C ARG B 102 17.86 -13.61 -12.60
N ARG B 103 18.60 -13.90 -13.66
CA ARG B 103 18.00 -13.98 -15.00
C ARG B 103 16.92 -15.07 -15.06
N ALA B 104 17.16 -16.21 -14.42
CA ALA B 104 16.19 -17.29 -14.40
C ALA B 104 15.03 -17.01 -13.44
N ALA B 105 15.23 -16.05 -12.55
CA ALA B 105 14.22 -15.71 -11.53
C ALA B 105 12.84 -15.34 -12.10
N VAL B 106 12.80 -14.78 -13.31
CA VAL B 106 11.52 -14.49 -13.95
C VAL B 106 10.63 -15.74 -13.99
N ASP B 107 11.25 -16.92 -14.06
CA ASP B 107 10.50 -18.18 -13.99
C ASP B 107 10.41 -18.77 -12.57
N THR B 108 11.55 -18.93 -11.91
CA THR B 108 11.62 -19.65 -10.64
C THR B 108 11.00 -18.85 -9.49
N TYR B 109 10.71 -17.59 -9.74
CA TYR B 109 10.25 -16.69 -8.69
C TYR B 109 8.99 -15.94 -9.11
N CYS B 110 9.09 -15.10 -10.14
CA CYS B 110 7.94 -14.33 -10.59
C CYS B 110 6.79 -15.22 -11.10
N ARG B 111 7.05 -15.99 -12.14
CA ARG B 111 6.00 -16.87 -12.69
C ARG B 111 5.48 -17.84 -11.64
N HIS B 112 6.38 -18.35 -10.79
CA HIS B 112 5.97 -19.27 -9.73
C HIS B 112 4.99 -18.63 -8.76
N ASN B 113 5.35 -17.47 -8.20
CA ASN B 113 4.52 -16.78 -7.22
C ASN B 113 3.20 -16.29 -7.82
N TYR B 114 3.24 -15.88 -9.09
CA TYR B 114 2.02 -15.52 -9.81
C TYR B 114 1.09 -16.74 -9.78
N GLY B 115 1.65 -17.91 -10.05
CA GLY B 115 0.86 -19.14 -10.07
C GLY B 115 0.29 -19.49 -8.71
N VAL B 116 1.11 -19.37 -7.68
CA VAL B 116 0.67 -19.71 -6.33
C VAL B 116 -0.51 -18.85 -5.85
N GLY B 117 -0.51 -17.55 -6.19
CA GLY B 117 -1.48 -16.63 -5.61
C GLY B 117 -2.60 -16.19 -6.53
N GLU B 118 -2.48 -16.59 -7.78
CA GLU B 118 -3.42 -16.26 -8.84
C GLU B 118 -4.89 -16.29 -8.41
N SER B 119 -5.29 -17.42 -7.83
CA SER B 119 -6.70 -17.67 -7.49
C SER B 119 -7.32 -16.66 -6.52
N PHE B 120 -6.52 -16.09 -5.62
CA PHE B 120 -7.06 -15.15 -4.63
C PHE B 120 -6.52 -13.72 -4.74
N THR B 121 -5.83 -13.43 -5.85
CA THR B 121 -5.39 -12.06 -6.10
C THR B 121 -5.91 -11.61 -7.47
N VAL B 122 -5.31 -12.14 -8.53
CA VAL B 122 -5.77 -11.89 -9.90
C VAL B 122 -7.27 -12.16 -10.08
N GLN B 123 -7.75 -13.28 -9.51
CA GLN B 123 -9.14 -13.67 -9.70
C GLN B 123 -10.09 -13.12 -8.64
N ARG B 124 -9.58 -12.24 -7.76
CA ARG B 124 -10.39 -11.66 -6.70
C ARG B 124 -11.44 -10.67 -7.22
N ARG B 125 -12.69 -10.87 -6.82
CA ARG B 125 -13.77 -9.98 -7.24
C ARG B 125 -14.74 -9.78 -6.10
N VAL B 126 -14.90 -8.52 -5.70
CA VAL B 126 -15.89 -8.19 -4.69
C VAL B 126 -16.82 -7.10 -5.23
N GLU B 127 -18.11 -7.32 -5.10
CA GLU B 127 -19.10 -6.43 -5.67
C GLU B 127 -19.21 -5.16 -4.84
N PRO B 128 -19.26 -4.00 -5.50
CA PRO B 128 -19.41 -2.73 -4.78
C PRO B 128 -20.81 -2.59 -4.18
N LYS B 129 -20.91 -1.94 -3.02
CA LYS B 129 -22.20 -1.53 -2.52
C LYS B 129 -22.43 -0.09 -2.98
N VAL B 130 -23.55 0.13 -3.65
CA VAL B 130 -23.82 1.44 -4.24
C VAL B 130 -25.03 2.15 -3.62
N THR B 131 -24.82 3.35 -3.08
CA THR B 131 -25.93 4.16 -2.57
C THR B 131 -25.93 5.61 -3.08
N VAL B 132 -27.13 6.18 -3.19
CA VAL B 132 -27.29 7.58 -3.59
C VAL B 132 -28.06 8.34 -2.52
N TYR B 133 -27.58 9.54 -2.19
CA TYR B 133 -28.23 10.37 -1.19
C TYR B 133 -27.75 11.82 -1.36
N PRO B 134 -28.62 12.79 -1.01
CA PRO B 134 -28.26 14.22 -0.99
C PRO B 134 -27.20 14.51 0.08
N SER B 135 -26.47 15.62 -0.03
CA SER B 135 -25.34 15.87 0.88
C SER B 135 -25.76 16.48 2.21
N HIS B 142 -29.34 26.77 -8.64
CA HIS B 142 -28.85 25.49 -8.15
C HIS B 142 -29.43 25.19 -6.77
N HIS B 143 -29.44 23.91 -6.40
CA HIS B 143 -29.99 23.51 -5.13
C HIS B 143 -29.33 22.23 -4.59
N ASN B 144 -29.51 21.12 -5.30
CA ASN B 144 -29.27 19.80 -4.71
C ASN B 144 -27.99 19.05 -5.12
N LEU B 145 -27.12 18.76 -4.16
CA LEU B 145 -25.93 17.95 -4.44
C LEU B 145 -26.17 16.48 -4.08
N LEU B 146 -25.97 15.60 -5.06
CA LEU B 146 -26.23 14.16 -4.89
C LEU B 146 -24.94 13.37 -4.75
N VAL B 147 -24.90 12.46 -3.78
CA VAL B 147 -23.74 11.61 -3.60
C VAL B 147 -24.00 10.19 -4.08
N CYS B 148 -23.19 9.75 -5.04
CA CYS B 148 -23.13 8.33 -5.34
C CYS B 148 -21.94 7.71 -4.62
N SER B 149 -22.24 6.95 -3.57
CA SER B 149 -21.22 6.26 -2.81
C SER B 149 -21.03 4.85 -3.33
N VAL B 150 -19.78 4.48 -3.61
CA VAL B 150 -19.48 3.17 -4.16
C VAL B 150 -18.39 2.53 -3.29
N SER B 151 -18.78 1.53 -2.49
CA SER B 151 -17.88 1.05 -1.43
C SER B 151 -17.55 -0.45 -1.43
N GLY B 152 -16.36 -0.76 -0.93
CA GLY B 152 -15.99 -2.13 -0.60
C GLY B 152 -15.85 -3.05 -1.79
N PHE B 153 -15.35 -2.51 -2.91
CA PHE B 153 -15.18 -3.35 -4.10
C PHE B 153 -13.72 -3.70 -4.38
N TYR B 154 -13.54 -4.72 -5.22
CA TYR B 154 -12.22 -5.16 -5.70
C TYR B 154 -12.46 -5.89 -7.00
N PRO B 155 -11.66 -5.60 -8.03
CA PRO B 155 -10.49 -4.71 -7.97
C PRO B 155 -10.79 -3.23 -8.22
N GLY B 156 -9.73 -2.44 -8.31
CA GLY B 156 -9.85 -0.99 -8.39
C GLY B 156 -10.43 -0.46 -9.68
N SER B 157 -10.10 -1.11 -10.79
CA SER B 157 -10.65 -0.75 -12.09
C SER B 157 -12.17 -0.68 -12.04
N ILE B 158 -12.71 0.50 -12.35
CA ILE B 158 -14.15 0.74 -12.24
C ILE B 158 -14.54 2.00 -13.01
N GLU B 159 -15.83 2.12 -13.32
CA GLU B 159 -16.39 3.31 -13.95
C GLU B 159 -17.69 3.74 -13.24
N VAL B 160 -17.77 4.99 -12.85
CA VAL B 160 -18.98 5.51 -12.19
C VAL B 160 -19.53 6.66 -13.01
N ARG B 161 -20.77 6.51 -13.48
CA ARG B 161 -21.31 7.48 -14.43
C ARG B 161 -22.63 8.01 -13.92
N TRP B 162 -22.83 9.32 -14.07
CA TRP B 162 -24.10 9.94 -13.72
C TRP B 162 -24.98 10.17 -14.96
N PHE B 163 -26.27 9.87 -14.82
CA PHE B 163 -27.24 10.15 -15.86
C PHE B 163 -28.37 11.05 -15.37
N ARG B 164 -28.76 12.00 -16.20
CA ARG B 164 -29.98 12.77 -15.96
C ARG B 164 -30.99 12.27 -16.98
N ASN B 165 -32.11 11.73 -16.51
CA ASN B 165 -32.95 10.89 -17.37
C ASN B 165 -32.06 9.96 -18.21
N GLY B 166 -32.14 10.06 -19.54
CA GLY B 166 -31.33 9.21 -20.39
C GLY B 166 -29.94 9.74 -20.70
N GLN B 167 -29.66 10.99 -20.34
CA GLN B 167 -28.43 11.62 -20.80
C GLN B 167 -27.31 11.61 -19.76
N GLU B 168 -26.13 11.16 -20.17
CA GLU B 168 -24.99 11.16 -19.25
C GLU B 168 -24.52 12.61 -18.98
N GLU B 169 -24.16 12.87 -17.73
CA GLU B 169 -23.83 14.23 -17.33
C GLU B 169 -22.41 14.24 -16.79
N LYS B 170 -21.54 15.02 -17.41
CA LYS B 170 -20.16 15.08 -16.93
C LYS B 170 -19.85 16.45 -16.35
N ALA B 171 -20.76 17.40 -16.52
CA ALA B 171 -20.52 18.73 -15.97
C ALA B 171 -21.18 18.85 -14.58
N GLY B 172 -20.51 19.55 -13.68
CA GLY B 172 -20.97 19.66 -12.30
C GLY B 172 -20.76 18.38 -11.53
N VAL B 173 -19.68 17.66 -11.84
CA VAL B 173 -19.40 16.40 -11.19
C VAL B 173 -18.07 16.50 -10.46
N VAL B 174 -18.03 16.03 -9.21
CA VAL B 174 -16.76 16.01 -8.49
C VAL B 174 -16.52 14.62 -7.90
N SER B 175 -15.31 14.12 -8.13
CA SER B 175 -14.98 12.77 -7.69
C SER B 175 -13.71 12.75 -6.86
N THR B 176 -13.75 11.95 -5.81
CA THR B 176 -12.62 11.69 -4.94
C THR B 176 -11.54 10.92 -5.68
N GLY B 177 -11.97 10.20 -6.70
CA GLY B 177 -11.11 9.22 -7.35
C GLY B 177 -11.01 7.97 -6.49
N LEU B 178 -10.28 6.99 -7.01
CA LEU B 178 -10.09 5.70 -6.35
C LEU B 178 -9.40 5.85 -4.99
N ILE B 179 -10.08 5.40 -3.94
CA ILE B 179 -9.50 5.35 -2.60
C ILE B 179 -9.22 3.89 -2.18
N GLN B 180 -7.96 3.58 -1.91
CA GLN B 180 -7.58 2.24 -1.47
C GLN B 180 -7.71 2.19 0.06
N ASN B 181 -8.51 1.24 0.56
CA ASN B 181 -8.80 1.14 2.01
C ASN B 181 -7.71 0.44 2.81
N GLY B 182 -6.75 -0.17 2.13
CA GLY B 182 -5.68 -0.90 2.79
C GLY B 182 -6.05 -2.34 3.14
N ASP B 183 -7.29 -2.74 2.84
CA ASP B 183 -7.76 -4.07 3.27
C ASP B 183 -8.28 -4.91 2.11
N TRP B 184 -7.70 -4.72 0.92
CA TRP B 184 -8.18 -5.40 -0.28
C TRP B 184 -9.62 -5.01 -0.66
N THR B 185 -10.07 -3.86 -0.16
CA THR B 185 -11.25 -3.20 -0.72
C THR B 185 -10.92 -1.78 -1.17
N PHE B 186 -11.73 -1.27 -2.10
CA PHE B 186 -11.66 0.12 -2.54
C PHE B 186 -12.99 0.81 -2.29
N GLN B 187 -12.97 2.13 -2.34
CA GLN B 187 -14.19 2.92 -2.37
C GLN B 187 -14.02 4.15 -3.25
N THR B 188 -15.13 4.83 -3.53
CA THR B 188 -15.09 6.08 -4.29
C THR B 188 -16.42 6.80 -4.12
N LEU B 189 -16.38 8.14 -4.10
CA LEU B 189 -17.58 8.96 -3.96
C LEU B 189 -17.67 9.89 -5.17
N VAL B 190 -18.80 9.86 -5.87
CA VAL B 190 -18.98 10.72 -7.05
C VAL B 190 -20.23 11.56 -6.92
N MET B 191 -20.06 12.88 -6.91
CA MET B 191 -21.19 13.76 -6.64
C MET B 191 -21.60 14.62 -7.82
N LEU B 192 -22.89 14.93 -7.87
CA LEU B 192 -23.48 15.60 -9.01
C LEU B 192 -24.31 16.77 -8.54
N GLU B 193 -23.99 17.97 -9.03
CA GLU B 193 -24.82 19.15 -8.75
C GLU B 193 -26.08 19.11 -9.61
N THR B 194 -27.24 19.23 -8.96
CA THR B 194 -28.48 19.20 -9.70
C THR B 194 -29.33 20.42 -9.41
N VAL B 195 -30.01 20.92 -10.43
CA VAL B 195 -31.18 21.76 -10.22
C VAL B 195 -32.37 20.87 -10.59
N PRO B 196 -32.95 20.21 -9.58
CA PRO B 196 -33.97 19.20 -9.86
C PRO B 196 -35.20 19.82 -10.49
N ARG B 197 -35.79 19.12 -11.44
CA ARG B 197 -37.04 19.57 -12.05
C ARG B 197 -38.06 18.46 -12.01
N SER B 198 -39.29 18.77 -12.40
CA SER B 198 -40.36 17.79 -12.40
C SER B 198 -40.05 16.70 -13.43
N GLY B 199 -40.17 15.45 -13.00
CA GLY B 199 -40.00 14.31 -13.89
C GLY B 199 -38.56 13.84 -14.06
N GLU B 200 -37.63 14.56 -13.45
CA GLU B 200 -36.23 14.17 -13.56
C GLU B 200 -35.89 12.96 -12.69
N VAL B 201 -35.41 11.91 -13.35
CA VAL B 201 -34.77 10.81 -12.65
C VAL B 201 -33.27 10.89 -12.88
N TYR B 202 -32.54 10.88 -11.77
CA TYR B 202 -31.08 10.87 -11.79
C TYR B 202 -30.59 9.48 -11.50
N THR B 203 -29.64 9.01 -12.30
CA THR B 203 -29.14 7.66 -12.09
C THR B 203 -27.63 7.63 -11.95
N CYS B 204 -27.17 6.93 -10.92
CA CYS B 204 -25.75 6.63 -10.79
C CYS B 204 -25.52 5.24 -11.35
N GLN B 205 -24.57 5.15 -12.28
CA GLN B 205 -24.29 3.86 -12.90
C GLN B 205 -22.89 3.38 -12.59
N VAL B 206 -22.79 2.14 -12.15
CA VAL B 206 -21.49 1.58 -11.83
C VAL B 206 -21.17 0.39 -12.71
N GLU B 207 -19.96 0.38 -13.25
CA GLU B 207 -19.50 -0.67 -14.14
C GLU B 207 -18.21 -1.22 -13.56
N HIS B 208 -18.22 -2.51 -13.26
CA HIS B 208 -17.16 -3.15 -12.50
C HIS B 208 -17.09 -4.63 -12.86
N PRO B 209 -15.88 -5.23 -12.82
CA PRO B 209 -15.71 -6.60 -13.32
C PRO B 209 -16.48 -7.63 -12.51
N SER B 210 -16.87 -7.27 -11.30
CA SER B 210 -17.63 -8.19 -10.44
C SER B 210 -19.03 -8.46 -10.98
N VAL B 211 -19.61 -7.52 -11.74
CA VAL B 211 -20.95 -7.74 -12.29
C VAL B 211 -21.00 -7.60 -13.81
N THR B 212 -21.80 -8.47 -14.44
CA THR B 212 -21.93 -8.48 -15.89
C THR B 212 -22.81 -7.31 -16.41
N SER B 213 -23.97 -7.11 -15.81
CA SER B 213 -24.74 -5.91 -16.06
C SER B 213 -24.24 -4.74 -15.20
N PRO B 214 -24.52 -3.50 -15.64
CA PRO B 214 -24.23 -2.34 -14.78
C PRO B 214 -25.08 -2.35 -13.51
N LEU B 215 -24.53 -1.77 -12.44
CA LEU B 215 -25.32 -1.48 -11.27
C LEU B 215 -25.87 -0.06 -11.41
N THR B 216 -27.17 0.10 -11.23
CA THR B 216 -27.78 1.43 -11.30
C THR B 216 -28.60 1.71 -10.06
N VAL B 217 -28.53 2.95 -9.59
CA VAL B 217 -29.36 3.39 -8.48
C VAL B 217 -30.03 4.70 -8.87
N GLU B 218 -31.33 4.76 -8.66
CA GLU B 218 -32.10 5.94 -9.05
C GLU B 218 -32.41 6.86 -7.88
N TRP B 219 -32.41 8.16 -8.15
CA TRP B 219 -32.89 9.15 -7.20
C TRP B 219 -33.86 10.12 -7.89
N ARG B 220 -34.91 10.52 -7.18
CA ARG B 220 -35.85 11.52 -7.68
C ARG B 220 -35.96 12.72 -6.72
C1 GOL C . -9.25 -3.73 8.92
O1 GOL C . -8.18 -4.23 8.15
C2 GOL C . -10.33 -3.23 7.97
O2 GOL C . -10.99 -4.36 7.41
C3 GOL C . -11.33 -2.38 8.76
O3 GOL C . -12.65 -2.64 8.29
C1 GOL D . 15.72 11.25 12.92
O1 GOL D . 15.73 11.10 11.48
C2 GOL D . 16.24 12.61 13.38
O2 GOL D . 15.40 13.65 12.90
C3 GOL D . 16.29 12.67 14.91
O3 GOL D . 15.65 13.86 15.36
C1 GOL E . 11.06 6.69 -8.95
O1 GOL E . 10.13 6.51 -7.89
C2 GOL E . 12.50 6.67 -8.43
O2 GOL E . 12.62 7.30 -7.15
C3 GOL E . 13.07 5.25 -8.43
O3 GOL E . 14.33 5.19 -7.77
C1 GOL F . -14.05 -12.98 -3.12
O1 GOL F . -13.82 -13.44 -1.80
C2 GOL F . -13.32 -13.84 -4.17
O2 GOL F . -13.60 -13.32 -5.46
C3 GOL F . -11.82 -13.80 -3.93
O3 GOL F . -11.16 -14.86 -4.63
#